data_6YVZ
#
_entry.id   6YVZ
#
_cell.length_a   109.880
_cell.length_b   109.880
_cell.length_c   39.080
_cell.angle_alpha   90.000
_cell.angle_beta   90.000
_cell.angle_gamma   120.000
#
_symmetry.space_group_name_H-M   'P 63'
#
loop_
_entity.id
_entity.type
_entity.pdbx_description
1 polymer 'Egl nine homolog 1'
2 non-polymer 'MANGANESE (II) ION'
3 non-polymer '4-[(5-bromanylisoquinolin-3-yl)amino]-4-oxidanylidene-butanoic acid'
4 non-polymer 'BICARBONATE ION'
5 water water
#
_entity_poly.entity_id   1
_entity_poly.type   'polypeptide(L)'
_entity_poly.pdbx_seq_one_letter_code
;GSHMASPNGQTKPLPALKLALEYIVPCMNKHGICVVDDFLGKETGQQIGDEVRALHDTGKFTDGQLVSQKSDSSKDIRGD
KITWIEGKEPGCETIGLLMSSMDDLIRHCNGKLGSYKINGRTKAMVACYPGNGTGYVRHVDNPNGDGRCVTCIYYLNKDW
DAKVSGGILRIFPEGKAQFADIEPKFDRLLFFWSDRRNPHEVQPAYATRYAITVWYFDADERARAKVKYLTGEKGVRVEL
NKPSDSVGKDVF
;
_entity_poly.pdbx_strand_id   A
#
loop_
_chem_comp.id
_chem_comp.type
_chem_comp.name
_chem_comp.formula
BCT non-polymer 'BICARBONATE ION' 'C H O3 -1'
MN non-polymer 'MANGANESE (II) ION' 'Mn 2'
PW8 non-polymer '4-[(5-bromanylisoquinolin-3-yl)amino]-4-oxidanylidene-butanoic acid' 'C13 H11 Br N2 O3'
#
# COMPACT_ATOMS: atom_id res chain seq x y z
N PRO A 13 -17.42 6.73 -6.16
CA PRO A 13 -16.79 5.45 -6.50
C PRO A 13 -17.68 4.62 -7.43
N LEU A 14 -17.57 3.30 -7.32
CA LEU A 14 -18.47 2.28 -7.86
C LEU A 14 -18.82 1.40 -6.67
N PRO A 15 -20.07 0.94 -6.55
CA PRO A 15 -20.50 0.35 -5.26
C PRO A 15 -19.51 -0.65 -4.68
N ALA A 16 -19.03 -0.36 -3.47
CA ALA A 16 -18.06 -1.20 -2.79
C ALA A 16 -18.49 -2.65 -2.91
N LEU A 17 -19.79 -2.90 -2.78
CA LEU A 17 -20.26 -4.27 -2.80
C LEU A 17 -20.06 -4.93 -4.16
N LYS A 18 -20.40 -4.23 -5.24
CA LYS A 18 -20.25 -4.80 -6.57
C LYS A 18 -18.79 -5.10 -6.81
N LEU A 19 -17.92 -4.16 -6.44
CA LEU A 19 -16.48 -4.32 -6.61
C LEU A 19 -15.99 -5.52 -5.83
N ALA A 20 -16.42 -5.64 -4.58
CA ALA A 20 -15.94 -6.74 -3.75
C ALA A 20 -16.42 -8.07 -4.27
N LEU A 21 -17.72 -8.19 -4.54
CA LEU A 21 -18.27 -9.50 -4.82
C LEU A 21 -17.93 -9.95 -6.22
N GLU A 22 -17.99 -9.06 -7.20
CA GLU A 22 -17.78 -9.48 -8.58
C GLU A 22 -16.33 -9.42 -9.04
N TYR A 23 -15.45 -8.71 -8.35
CA TYR A 23 -14.06 -8.63 -8.78
C TYR A 23 -13.08 -9.01 -7.69
N ILE A 24 -13.09 -8.33 -6.55
CA ILE A 24 -12.01 -8.48 -5.58
C ILE A 24 -12.01 -9.89 -4.98
N VAL A 25 -13.15 -10.39 -4.57
CA VAL A 25 -13.14 -11.71 -3.93
C VAL A 25 -12.68 -12.82 -4.91
N PRO A 26 -13.31 -12.94 -6.09
CA PRO A 26 -12.86 -14.02 -7.00
C PRO A 26 -11.41 -13.85 -7.44
N CYS A 27 -11.01 -12.63 -7.74
CA CYS A 27 -9.65 -12.40 -8.21
C CYS A 27 -8.60 -12.66 -7.12
N MET A 28 -8.86 -12.24 -5.86
CA MET A 28 -7.95 -12.57 -4.78
C MET A 28 -7.88 -14.09 -4.56
N ASN A 29 -9.03 -14.77 -4.55
CA ASN A 29 -9.00 -16.20 -4.32
C ASN A 29 -8.29 -16.93 -5.46
N LYS A 30 -8.35 -16.39 -6.67
CA LYS A 30 -7.71 -17.06 -7.81
C LYS A 30 -6.23 -16.68 -7.97
N HIS A 31 -5.92 -15.39 -7.93
CA HIS A 31 -4.58 -14.91 -8.24
C HIS A 31 -3.83 -14.38 -7.04
N GLY A 32 -4.49 -13.90 -6.02
CA GLY A 32 -3.74 -13.34 -4.91
C GLY A 32 -3.30 -11.90 -5.13
N ILE A 33 -3.68 -11.31 -6.27
CA ILE A 33 -3.26 -9.96 -6.70
C ILE A 33 -4.41 -9.38 -7.50
N CYS A 34 -4.90 -8.20 -7.13
N CYS A 34 -4.91 -8.21 -7.11
CA CYS A 34 -6.05 -7.64 -7.83
CA CYS A 34 -6.09 -7.63 -7.74
C CYS A 34 -5.94 -6.13 -7.92
C CYS A 34 -5.91 -6.12 -7.93
N VAL A 35 -6.25 -5.62 -9.10
CA VAL A 35 -6.09 -4.21 -9.44
C VAL A 35 -7.44 -3.64 -9.81
N VAL A 36 -7.82 -2.56 -9.16
CA VAL A 36 -9.06 -1.84 -9.45
C VAL A 36 -8.68 -0.46 -9.94
N ASP A 37 -9.00 -0.16 -11.20
CA ASP A 37 -8.76 1.18 -11.69
C ASP A 37 -9.97 2.07 -11.43
N ASP A 38 -9.70 3.39 -11.41
CA ASP A 38 -10.70 4.42 -11.22
C ASP A 38 -11.56 4.15 -9.98
N PHE A 39 -10.85 3.97 -8.86
CA PHE A 39 -11.51 3.52 -7.64
C PHE A 39 -12.45 4.59 -7.07
N LEU A 40 -11.97 5.84 -6.96
CA LEU A 40 -12.74 6.90 -6.36
C LEU A 40 -13.18 7.97 -7.34
N GLY A 41 -12.63 7.99 -8.56
CA GLY A 41 -12.92 9.06 -9.50
C GLY A 41 -11.93 10.21 -9.43
N LYS A 42 -11.95 11.02 -10.46
CA LYS A 42 -10.93 12.05 -10.64
C LYS A 42 -11.00 13.13 -9.55
N GLU A 43 -12.19 13.58 -9.19
CA GLU A 43 -12.28 14.70 -8.24
C GLU A 43 -11.76 14.28 -6.88
N THR A 44 -12.22 13.13 -6.38
CA THR A 44 -11.73 12.65 -5.09
C THR A 44 -10.26 12.26 -5.17
N GLY A 45 -9.84 11.60 -6.26
CA GLY A 45 -8.45 11.18 -6.33
C GLY A 45 -7.54 12.40 -6.31
N GLN A 46 -7.97 13.46 -6.99
CA GLN A 46 -7.18 14.69 -7.06
C GLN A 46 -7.13 15.39 -5.72
N GLN A 47 -8.25 15.41 -4.97
CA GLN A 47 -8.21 15.92 -3.59
C GLN A 47 -7.22 15.14 -2.73
N ILE A 48 -7.18 13.79 -2.87
CA ILE A 48 -6.20 13.00 -2.13
C ILE A 48 -4.79 13.40 -2.56
N GLY A 49 -4.57 13.53 -3.87
CA GLY A 49 -3.26 13.95 -4.35
C GLY A 49 -2.87 15.29 -3.75
N ASP A 50 -3.83 16.22 -3.68
CA ASP A 50 -3.56 17.53 -3.11
C ASP A 50 -3.17 17.43 -1.65
N GLU A 51 -3.86 16.57 -0.89
CA GLU A 51 -3.52 16.41 0.53
C GLU A 51 -2.14 15.81 0.70
N VAL A 52 -1.81 14.78 -0.09
CA VAL A 52 -0.51 14.15 0.08
C VAL A 52 0.58 15.13 -0.32
N ARG A 53 0.38 15.87 -1.41
CA ARG A 53 1.40 16.84 -1.80
C ARG A 53 1.55 17.94 -0.77
N ALA A 54 0.46 18.31 -0.10
CA ALA A 54 0.55 19.27 0.99
C ALA A 54 1.39 18.73 2.14
N LEU A 55 1.13 17.48 2.55
CA LEU A 55 1.96 16.85 3.57
C LEU A 55 3.43 16.92 3.19
N HIS A 56 3.73 16.56 1.96
CA HIS A 56 5.11 16.57 1.50
C HIS A 56 5.68 17.96 1.56
N ASP A 57 4.94 18.94 1.04
CA ASP A 57 5.47 20.30 0.90
C ASP A 57 5.66 20.97 2.25
N THR A 58 4.87 20.59 3.26
CA THR A 58 5.00 21.14 4.61
C THR A 58 5.93 20.32 5.49
N GLY A 59 6.62 19.32 4.96
CA GLY A 59 7.67 18.64 5.69
C GLY A 59 7.21 17.52 6.59
N LYS A 60 6.00 16.98 6.39
CA LYS A 60 5.49 15.93 7.27
C LYS A 60 6.14 14.56 7.02
N PHE A 61 6.75 14.35 5.87
CA PHE A 61 7.39 13.07 5.60
C PHE A 61 8.76 12.98 6.29
N THR A 62 9.20 11.74 6.50
CA THR A 62 10.59 11.54 6.88
C THR A 62 11.54 11.91 5.74
N ASP A 63 12.85 12.00 6.06
CA ASP A 63 13.82 12.30 5.01
C ASP A 63 14.02 11.19 3.98
N GLY A 64 13.68 9.95 4.35
CA GLY A 64 13.76 8.87 3.39
C GLY A 64 14.69 7.77 3.80
N GLN A 65 14.46 6.56 3.30
CA GLN A 65 15.28 5.41 3.65
C GLN A 65 16.73 5.64 3.26
N LEU A 66 17.62 5.44 4.21
CA LEU A 66 19.04 5.52 3.89
C LEU A 66 19.40 4.38 2.95
N VAL A 67 19.77 4.71 1.72
CA VAL A 67 20.09 3.71 0.70
C VAL A 67 21.59 3.50 0.60
N SER A 68 22.37 4.58 0.62
CA SER A 68 23.82 4.48 0.59
C SER A 68 24.38 5.48 1.59
N GLN A 69 25.13 4.99 2.58
CA GLN A 69 25.74 5.84 3.59
C GLN A 69 27.18 6.13 3.18
N LYS A 70 27.43 7.35 2.70
CA LYS A 70 28.73 7.74 2.19
C LYS A 70 29.63 8.26 3.31
N SER A 71 30.89 8.54 2.96
CA SER A 71 31.82 9.14 3.91
C SER A 71 31.33 10.50 4.38
N ASP A 72 31.03 11.40 3.43
CA ASP A 72 30.32 12.62 3.74
C ASP A 72 28.84 12.35 3.92
N SER A 73 28.16 13.23 4.65
CA SER A 73 26.75 13.05 4.96
C SER A 73 25.84 13.96 4.15
N SER A 74 26.38 14.95 3.43
CA SER A 74 25.61 15.66 2.43
C SER A 74 25.48 14.86 1.15
N LYS A 75 26.33 13.85 0.96
CA LYS A 75 26.29 12.98 -0.21
C LYS A 75 25.43 11.74 0.01
N ASP A 76 24.87 11.55 1.20
CA ASP A 76 24.07 10.38 1.47
C ASP A 76 22.87 10.31 0.54
N ILE A 77 22.52 9.09 0.12
CA ILE A 77 21.42 8.85 -0.80
C ILE A 77 20.23 8.31 -0.01
N ARG A 78 19.10 9.01 -0.08
CA ARG A 78 17.90 8.59 0.64
C ARG A 78 16.80 8.27 -0.35
N GLY A 79 15.99 7.26 0.00
CA GLY A 79 14.95 6.78 -0.90
C GLY A 79 13.55 7.10 -0.42
N ASP A 80 12.70 6.08 -0.32
CA ASP A 80 11.30 6.30 0.04
C ASP A 80 11.14 7.04 1.35
N LYS A 81 10.32 8.10 1.34
CA LYS A 81 9.97 8.91 2.48
C LYS A 81 8.61 8.41 2.96
N ILE A 82 8.38 8.48 4.26
CA ILE A 82 7.09 8.02 4.75
C ILE A 82 6.52 8.94 5.81
N THR A 83 5.20 8.81 5.97
CA THR A 83 4.48 9.39 7.10
C THR A 83 3.30 8.46 7.40
N TRP A 84 3.01 8.29 8.69
CA TRP A 84 1.84 7.53 9.13
C TRP A 84 0.67 8.47 9.30
N ILE A 85 -0.48 8.08 8.76
CA ILE A 85 -1.66 8.94 8.74
C ILE A 85 -2.83 8.19 9.33
N GLU A 86 -3.49 8.76 10.34
CA GLU A 86 -4.71 8.17 10.90
C GLU A 86 -5.94 8.45 10.06
N GLY A 87 -5.96 9.58 9.36
CA GLY A 87 -7.09 9.96 8.56
C GLY A 87 -8.00 10.95 9.25
N LYS A 88 -7.70 11.37 10.46
CA LYS A 88 -8.50 12.34 11.20
C LYS A 88 -7.74 13.64 11.36
N GLU A 89 -6.50 13.69 10.92
CA GLU A 89 -5.72 14.92 11.04
C GLU A 89 -6.29 16.04 10.17
N PRO A 90 -6.14 17.28 10.58
CA PRO A 90 -6.63 18.38 9.75
C PRO A 90 -5.82 18.42 8.46
N GLY A 91 -6.52 18.44 7.33
CA GLY A 91 -5.89 18.37 6.04
C GLY A 91 -5.69 16.95 5.52
N CYS A 92 -6.04 15.93 6.30
CA CYS A 92 -6.00 14.54 5.84
C CYS A 92 -7.39 13.95 5.72
N GLU A 93 -8.40 14.81 5.65
CA GLU A 93 -9.78 14.36 5.65
C GLU A 93 -10.03 13.41 4.50
N THR A 94 -9.52 13.74 3.31
CA THR A 94 -9.83 12.89 2.15
C THR A 94 -9.02 11.60 2.16
N ILE A 95 -7.83 11.63 2.76
CA ILE A 95 -7.14 10.37 3.07
C ILE A 95 -7.99 9.50 3.97
N GLY A 96 -8.62 10.10 4.97
CA GLY A 96 -9.52 9.37 5.82
C GLY A 96 -10.68 8.79 5.07
N LEU A 97 -11.23 9.55 4.12
CA LEU A 97 -12.28 9.02 3.26
C LEU A 97 -11.79 7.81 2.44
N LEU A 98 -10.60 7.88 1.89
CA LEU A 98 -10.02 6.71 1.19
C LEU A 98 -9.96 5.50 2.12
N MET A 99 -9.44 5.70 3.33
CA MET A 99 -9.35 4.62 4.29
C MET A 99 -10.71 4.06 4.63
N SER A 100 -11.70 4.94 4.85
CA SER A 100 -13.06 4.43 5.05
C SER A 100 -13.54 3.61 3.86
N SER A 101 -13.18 4.03 2.64
CA SER A 101 -13.68 3.32 1.45
C SER A 101 -13.01 1.95 1.31
N MET A 102 -11.71 1.89 1.65
CA MET A 102 -11.02 0.60 1.68
C MET A 102 -11.68 -0.30 2.71
N ASP A 103 -11.91 0.23 3.92
CA ASP A 103 -12.60 -0.54 4.97
C ASP A 103 -13.97 -1.05 4.51
N ASP A 104 -14.77 -0.20 3.83
CA ASP A 104 -16.05 -0.65 3.28
C ASP A 104 -15.87 -1.85 2.36
N LEU A 105 -14.89 -1.76 1.45
CA LEU A 105 -14.62 -2.88 0.56
C LEU A 105 -14.34 -4.15 1.35
N ILE A 106 -13.41 -4.05 2.29
CA ILE A 106 -12.97 -5.21 3.05
C ILE A 106 -14.13 -5.77 3.84
N ARG A 107 -14.93 -4.89 4.45
CA ARG A 107 -16.10 -5.32 5.18
C ARG A 107 -16.99 -6.17 4.30
N HIS A 108 -17.19 -5.74 3.05
CA HIS A 108 -18.06 -6.50 2.16
C HIS A 108 -17.42 -7.78 1.67
N CYS A 109 -16.10 -7.92 1.82
CA CYS A 109 -15.44 -9.17 1.44
C CYS A 109 -15.38 -10.22 2.54
N ASN A 110 -15.68 -9.88 3.79
CA ASN A 110 -15.20 -10.70 4.89
C ASN A 110 -15.86 -12.07 4.88
N GLY A 111 -15.09 -13.07 5.32
CA GLY A 111 -15.47 -14.45 5.19
C GLY A 111 -15.32 -15.01 3.79
N LYS A 112 -14.96 -14.19 2.81
CA LYS A 112 -14.80 -14.64 1.45
C LYS A 112 -13.37 -14.55 0.96
N LEU A 113 -12.48 -13.89 1.70
CA LEU A 113 -11.08 -13.75 1.27
C LEU A 113 -10.27 -14.89 1.88
N GLY A 114 -10.02 -15.91 1.08
CA GLY A 114 -9.41 -17.11 1.63
C GLY A 114 -10.24 -17.61 2.80
N SER A 115 -9.55 -18.06 3.84
CA SER A 115 -10.20 -18.41 5.09
C SER A 115 -9.99 -17.34 6.15
N TYR A 116 -9.52 -16.15 5.74
CA TYR A 116 -9.21 -15.09 6.69
C TYR A 116 -10.48 -14.44 7.19
N LYS A 117 -10.43 -13.99 8.44
CA LYS A 117 -11.45 -13.14 9.03
C LYS A 117 -10.76 -11.84 9.42
N ILE A 118 -10.99 -10.79 8.66
CA ILE A 118 -10.27 -9.54 8.87
C ILE A 118 -10.99 -8.74 9.95
N ASN A 119 -10.24 -8.34 10.98
CA ASN A 119 -10.87 -7.63 12.08
C ASN A 119 -10.22 -6.28 12.40
N GLY A 120 -9.24 -5.83 11.61
CA GLY A 120 -8.59 -4.57 11.94
C GLY A 120 -7.61 -4.24 10.83
N ARG A 121 -6.97 -3.09 10.97
CA ARG A 121 -6.00 -2.66 9.98
C ARG A 121 -4.97 -1.78 10.67
N THR A 122 -3.93 -1.46 9.93
CA THR A 122 -3.00 -0.43 10.37
C THR A 122 -3.58 0.93 10.05
N LYS A 123 -2.94 1.98 10.56
CA LYS A 123 -3.09 3.30 9.98
C LYS A 123 -2.52 3.28 8.57
N ALA A 124 -2.67 4.39 7.87
CA ALA A 124 -2.17 4.51 6.51
C ALA A 124 -0.69 4.86 6.51
N MET A 125 0.07 4.13 5.70
N MET A 125 0.08 4.11 5.74
CA MET A 125 1.51 4.42 5.51
CA MET A 125 1.51 4.45 5.53
C MET A 125 1.62 5.13 4.16
C MET A 125 1.58 5.14 4.17
N VAL A 126 1.84 6.44 4.19
CA VAL A 126 1.90 7.21 2.96
C VAL A 126 3.36 7.27 2.57
N ALA A 127 3.69 6.92 1.31
CA ALA A 127 5.06 6.87 0.86
C ALA A 127 5.24 7.86 -0.28
N CYS A 128 6.42 8.43 -0.32
CA CYS A 128 6.85 9.30 -1.40
C CYS A 128 8.23 8.84 -1.84
N TYR A 129 8.32 8.32 -3.05
CA TYR A 129 9.62 8.10 -3.68
C TYR A 129 10.00 9.40 -4.35
N PRO A 130 11.13 10.00 -4.00
CA PRO A 130 11.41 11.37 -4.40
C PRO A 130 11.68 11.55 -5.89
N GLY A 131 11.94 10.47 -6.62
CA GLY A 131 12.27 10.57 -8.03
C GLY A 131 13.74 10.70 -8.30
N ASN A 132 14.57 10.15 -7.44
CA ASN A 132 16.02 10.25 -7.54
C ASN A 132 16.62 8.90 -7.90
N GLY A 133 15.86 8.07 -8.59
CA GLY A 133 16.40 6.80 -9.02
C GLY A 133 16.32 5.71 -7.97
N THR A 134 15.75 5.99 -6.82
CA THR A 134 15.60 4.95 -5.78
C THR A 134 14.30 4.19 -6.00
N GLY A 135 14.29 2.95 -5.53
CA GLY A 135 13.13 2.08 -5.53
C GLY A 135 13.02 1.42 -4.18
N TYR A 136 12.62 0.16 -4.18
CA TYR A 136 12.46 -0.55 -2.91
C TYR A 136 12.79 -2.01 -3.21
N VAL A 137 13.78 -2.55 -2.51
CA VAL A 137 14.30 -3.88 -2.82
C VAL A 137 13.25 -4.96 -2.62
N ARG A 138 13.50 -6.13 -3.26
CA ARG A 138 12.55 -7.24 -3.18
C ARG A 138 12.38 -7.66 -1.73
N HIS A 139 11.14 -7.84 -1.30
CA HIS A 139 10.87 -8.21 0.08
C HIS A 139 9.48 -8.85 0.13
N VAL A 140 9.15 -9.38 1.30
CA VAL A 140 7.81 -9.85 1.63
C VAL A 140 7.28 -8.98 2.76
N ASP A 141 6.01 -8.58 2.69
CA ASP A 141 5.52 -7.62 3.67
C ASP A 141 5.38 -8.25 5.03
N ASN A 142 4.88 -9.47 5.07
CA ASN A 142 4.68 -10.16 6.34
C ASN A 142 5.33 -11.53 6.24
N PRO A 143 6.64 -11.61 6.46
CA PRO A 143 7.31 -12.91 6.34
C PRO A 143 7.26 -13.78 7.61
N ASN A 144 6.89 -13.21 8.75
CA ASN A 144 7.05 -13.87 10.04
C ASN A 144 5.73 -14.08 10.78
N GLY A 145 4.59 -13.95 10.10
CA GLY A 145 3.33 -14.23 10.75
C GLY A 145 2.97 -13.15 11.75
N ASP A 146 3.00 -11.87 11.37
CA ASP A 146 2.67 -10.83 12.32
C ASP A 146 1.21 -10.43 12.23
N GLY A 147 0.43 -11.13 11.43
CA GLY A 147 -1.02 -10.96 11.40
C GLY A 147 -1.54 -10.23 10.19
N ARG A 148 -0.67 -9.59 9.42
CA ARG A 148 -1.10 -8.89 8.21
C ARG A 148 -1.38 -9.89 7.10
N CYS A 149 -2.62 -9.89 6.61
CA CYS A 149 -2.95 -10.85 5.57
C CYS A 149 -3.17 -10.21 4.21
N VAL A 150 -3.63 -8.95 4.15
CA VAL A 150 -3.84 -8.29 2.87
C VAL A 150 -3.14 -6.95 2.87
N THR A 151 -2.40 -6.69 1.81
CA THR A 151 -1.85 -5.38 1.58
C THR A 151 -2.76 -4.62 0.62
N CYS A 152 -3.07 -3.36 0.94
N CYS A 152 -3.10 -3.38 0.98
CA CYS A 152 -3.93 -2.53 0.10
CA CYS A 152 -3.90 -2.51 0.11
C CYS A 152 -3.22 -1.22 -0.19
C CYS A 152 -3.11 -1.26 -0.20
N ILE A 153 -2.99 -0.92 -1.47
CA ILE A 153 -2.21 0.25 -1.89
C ILE A 153 -3.06 1.08 -2.84
N TYR A 154 -3.04 2.39 -2.62
CA TYR A 154 -3.74 3.32 -3.49
C TYR A 154 -2.71 4.25 -4.09
N TYR A 155 -2.74 4.41 -5.41
CA TYR A 155 -1.79 5.23 -6.12
C TYR A 155 -2.42 6.54 -6.59
N LEU A 156 -1.66 7.62 -6.57
CA LEU A 156 -2.14 9.00 -6.86
C LEU A 156 -1.35 9.71 -7.95
N ASN A 157 -0.65 9.01 -8.83
CA ASN A 157 0.26 9.68 -9.75
C ASN A 157 -0.37 9.87 -11.12
N LYS A 158 -0.81 11.10 -11.36
CA LYS A 158 -1.50 11.46 -12.59
C LYS A 158 -0.56 11.38 -13.78
N ASP A 159 -1.05 10.77 -14.86
CA ASP A 159 -0.32 10.65 -16.12
C ASP A 159 1.05 10.03 -15.92
N TRP A 160 1.11 8.98 -15.11
CA TRP A 160 2.35 8.26 -14.91
C TRP A 160 2.71 7.47 -16.16
N ASP A 161 3.96 7.59 -16.60
CA ASP A 161 4.46 6.82 -17.75
C ASP A 161 5.70 6.06 -17.29
N ALA A 162 5.54 4.75 -17.07
CA ALA A 162 6.62 3.98 -16.47
C ALA A 162 7.82 3.92 -17.41
N LYS A 163 7.59 3.89 -18.72
CA LYS A 163 8.68 3.93 -19.68
C LYS A 163 9.59 5.11 -19.45
N VAL A 164 9.05 6.24 -19.01
CA VAL A 164 9.85 7.43 -18.72
C VAL A 164 10.22 7.52 -17.25
N SER A 165 9.26 7.24 -16.36
CA SER A 165 9.45 7.54 -14.95
C SER A 165 9.76 6.33 -14.08
N GLY A 166 9.73 5.11 -14.64
CA GLY A 166 9.96 3.91 -13.85
C GLY A 166 8.91 3.70 -12.77
N GLY A 167 9.34 3.24 -11.62
CA GLY A 167 8.45 3.13 -10.48
C GLY A 167 7.46 1.97 -10.53
N ILE A 168 7.63 1.01 -11.41
CA ILE A 168 6.73 -0.12 -11.43
C ILE A 168 6.85 -0.93 -10.15
N LEU A 169 5.70 -1.37 -9.64
CA LEU A 169 5.71 -2.37 -8.60
C LEU A 169 5.73 -3.73 -9.28
N ARG A 170 6.78 -4.51 -9.05
CA ARG A 170 6.88 -5.82 -9.65
C ARG A 170 6.69 -6.85 -8.57
N ILE A 171 5.69 -7.72 -8.77
CA ILE A 171 5.37 -8.78 -7.84
C ILE A 171 5.84 -10.09 -8.47
N PHE A 172 6.34 -11.00 -7.64
CA PHE A 172 6.98 -12.26 -8.06
C PHE A 172 6.14 -13.39 -7.48
N PRO A 173 4.95 -13.65 -8.02
CA PRO A 173 4.03 -14.60 -7.37
C PRO A 173 4.68 -15.97 -7.20
N GLU A 174 4.54 -16.54 -6.00
CA GLU A 174 5.20 -17.80 -5.66
C GLU A 174 4.77 -18.92 -6.61
N GLY A 175 5.72 -19.77 -6.98
CA GLY A 175 5.44 -20.95 -7.77
C GLY A 175 5.16 -20.71 -9.24
N LYS A 176 5.08 -19.45 -9.66
CA LYS A 176 4.83 -19.10 -11.05
C LYS A 176 6.08 -18.48 -11.64
N ALA A 177 6.40 -18.86 -12.87
CA ALA A 177 7.50 -18.23 -13.61
C ALA A 177 6.91 -17.05 -14.40
N GLN A 178 6.68 -15.94 -13.69
CA GLN A 178 6.18 -14.74 -14.34
C GLN A 178 6.27 -13.59 -13.35
N PHE A 179 6.30 -12.38 -13.88
CA PHE A 179 6.19 -11.15 -13.10
C PHE A 179 4.76 -10.64 -13.21
N ALA A 180 4.28 -10.00 -12.15
CA ALA A 180 3.10 -9.13 -12.23
C ALA A 180 3.59 -7.69 -12.08
N ASP A 181 3.57 -6.92 -13.17
CA ASP A 181 4.00 -5.52 -13.16
C ASP A 181 2.81 -4.58 -13.04
N ILE A 182 2.83 -3.75 -12.01
CA ILE A 182 1.75 -2.81 -11.73
C ILE A 182 2.31 -1.40 -11.78
N GLU A 183 1.82 -0.60 -12.71
CA GLU A 183 2.21 0.81 -12.74
C GLU A 183 1.49 1.56 -11.65
N PRO A 184 2.12 2.57 -11.02
CA PRO A 184 1.52 3.28 -9.87
C PRO A 184 0.56 4.36 -10.35
N LYS A 185 -0.45 3.95 -11.13
CA LYS A 185 -1.31 4.88 -11.85
C LYS A 185 -2.29 5.58 -10.90
N PHE A 186 -2.67 6.79 -11.29
CA PHE A 186 -3.63 7.59 -10.53
C PHE A 186 -4.93 6.87 -10.34
N ASP A 187 -5.42 6.88 -9.09
CA ASP A 187 -6.73 6.40 -8.74
C ASP A 187 -6.83 4.91 -8.89
N ARG A 188 -5.67 4.22 -8.85
CA ARG A 188 -5.60 2.76 -8.91
C ARG A 188 -5.47 2.17 -7.51
N LEU A 189 -6.30 1.16 -7.20
CA LEU A 189 -6.25 0.43 -5.94
C LEU A 189 -5.71 -0.97 -6.21
N LEU A 190 -4.75 -1.43 -5.41
CA LEU A 190 -4.14 -2.74 -5.53
C LEU A 190 -4.35 -3.48 -4.23
N PHE A 191 -4.77 -4.74 -4.32
CA PHE A 191 -4.77 -5.63 -3.16
C PHE A 191 -3.85 -6.79 -3.44
N PHE A 192 -3.09 -7.24 -2.43
CA PHE A 192 -2.44 -8.54 -2.61
C PHE A 192 -2.14 -9.20 -1.27
N TRP A 193 -2.07 -10.54 -1.26
CA TRP A 193 -1.76 -11.23 -0.01
C TRP A 193 -0.41 -10.75 0.48
N SER A 194 -0.30 -10.48 1.78
CA SER A 194 0.86 -9.83 2.38
C SER A 194 1.99 -10.82 2.66
N ASP A 195 1.71 -12.11 2.66
CA ASP A 195 2.70 -13.10 3.07
C ASP A 195 3.62 -13.50 1.91
N ARG A 196 4.30 -14.65 2.05
CA ARG A 196 5.37 -15.02 1.13
C ARG A 196 4.85 -15.39 -0.25
N ARG A 197 3.53 -15.49 -0.44
CA ARG A 197 3.03 -15.71 -1.79
C ARG A 197 3.40 -14.57 -2.74
N ASN A 198 3.68 -13.36 -2.24
CA ASN A 198 3.84 -12.18 -3.10
C ASN A 198 5.05 -11.34 -2.68
N PRO A 199 6.29 -11.88 -2.85
CA PRO A 199 7.48 -11.03 -2.81
C PRO A 199 7.29 -9.93 -3.84
N HIS A 200 7.86 -8.76 -3.58
CA HIS A 200 7.69 -7.65 -4.51
C HIS A 200 8.78 -6.63 -4.30
N GLU A 201 8.96 -5.79 -5.32
CA GLU A 201 9.91 -4.70 -5.30
C GLU A 201 9.32 -3.51 -6.02
N VAL A 202 9.90 -2.35 -5.77
CA VAL A 202 9.59 -1.16 -6.55
C VAL A 202 10.79 -0.82 -7.39
N GLN A 203 10.62 -0.80 -8.70
CA GLN A 203 11.71 -0.45 -9.57
C GLN A 203 12.03 1.03 -9.46
N PRO A 204 13.27 1.40 -9.75
CA PRO A 204 13.68 2.79 -9.57
C PRO A 204 12.72 3.78 -10.18
N ALA A 205 12.38 4.81 -9.39
CA ALA A 205 11.43 5.82 -9.81
C ALA A 205 12.20 7.09 -10.14
N TYR A 206 11.92 7.69 -11.29
CA TYR A 206 12.62 8.87 -11.78
C TYR A 206 11.73 10.09 -11.78
N ALA A 207 10.59 9.99 -11.15
CA ALA A 207 9.69 11.09 -10.91
C ALA A 207 9.08 10.82 -9.54
N THR A 208 8.58 11.89 -8.92
CA THR A 208 7.95 11.77 -7.61
C THR A 208 6.79 10.79 -7.71
N ARG A 209 6.76 9.82 -6.80
CA ARG A 209 5.79 8.73 -6.84
C ARG A 209 5.18 8.59 -5.47
N TYR A 210 3.85 8.70 -5.38
CA TYR A 210 3.15 8.64 -4.11
C TYR A 210 2.28 7.39 -4.09
N ALA A 211 2.15 6.83 -2.92
CA ALA A 211 1.30 5.68 -2.69
C ALA A 211 0.84 5.69 -1.23
N ILE A 212 -0.35 5.17 -1.00
CA ILE A 212 -0.90 5.08 0.35
C ILE A 212 -1.21 3.63 0.57
N THR A 213 -0.63 3.05 1.64
CA THR A 213 -0.78 1.64 1.97
C THR A 213 -1.49 1.50 3.30
N VAL A 214 -2.41 0.57 3.35
CA VAL A 214 -2.96 0.02 4.57
C VAL A 214 -2.80 -1.50 4.53
N TRP A 215 -2.61 -2.11 5.69
CA TRP A 215 -2.54 -3.57 5.82
C TRP A 215 -3.71 -3.97 6.72
N TYR A 216 -4.42 -5.00 6.32
CA TYR A 216 -5.51 -5.60 7.09
C TYR A 216 -5.04 -6.85 7.79
N PHE A 217 -5.51 -7.02 9.04
CA PHE A 217 -5.14 -8.09 9.93
C PHE A 217 -6.19 -9.21 9.89
N ASP A 218 -5.69 -10.43 9.80
CA ASP A 218 -6.46 -11.63 10.05
C ASP A 218 -6.56 -11.84 11.55
N ALA A 219 -7.77 -12.05 12.04
CA ALA A 219 -7.99 -12.06 13.50
C ALA A 219 -7.15 -13.13 14.19
N ASP A 220 -7.11 -14.34 13.62
CA ASP A 220 -6.43 -15.44 14.27
C ASP A 220 -4.93 -15.24 14.27
N GLU A 221 -4.37 -14.94 13.08
CA GLU A 221 -2.94 -14.72 13.00
C GLU A 221 -2.50 -13.57 13.93
N ARG A 222 -3.27 -12.50 13.96
CA ARG A 222 -2.95 -11.34 14.82
C ARG A 222 -3.02 -11.74 16.29
N ALA A 223 -4.01 -12.54 16.67
CA ALA A 223 -4.19 -12.98 18.05
C ALA A 223 -2.98 -13.82 18.48
N ARG A 224 -2.47 -14.68 17.63
CA ARG A 224 -1.35 -15.52 18.06
C ARG A 224 -0.02 -14.82 17.87
N ALA A 225 0.04 -13.81 17.00
CA ALA A 225 1.23 -13.00 16.91
C ALA A 225 1.41 -12.19 18.18
N LYS A 226 0.29 -11.75 18.76
CA LYS A 226 0.37 -11.11 20.07
C LYS A 226 0.86 -12.11 21.12
N VAL A 227 0.50 -13.37 20.98
CA VAL A 227 0.99 -14.39 21.93
C VAL A 227 2.48 -14.53 21.72
N LYS A 228 2.92 -14.45 20.47
CA LYS A 228 4.29 -14.77 20.09
C LYS A 228 5.24 -13.64 20.50
N TYR A 229 4.86 -12.39 20.22
CA TYR A 229 5.77 -11.25 20.27
C TYR A 229 5.53 -10.30 21.43
N LEU A 230 4.49 -10.52 22.24
CA LEU A 230 4.24 -9.71 23.45
C LEU A 230 4.62 -8.24 23.33
N ARG A 237 0.54 -6.95 29.42
CA ARG A 237 1.35 -7.01 30.63
C ARG A 237 0.59 -6.33 31.77
N VAL A 238 0.32 -7.10 32.82
CA VAL A 238 -0.45 -6.70 34.02
C VAL A 238 0.44 -6.86 35.24
N GLU A 239 0.53 -5.88 36.14
CA GLU A 239 1.34 -6.03 37.35
C GLU A 239 0.66 -6.99 38.30
N LEU A 240 1.46 -7.67 39.12
CA LEU A 240 0.94 -8.61 40.09
C LEU A 240 0.40 -7.88 41.33
MN MN B . 5.92 -4.12 0.44
C02 PW8 C . 4.40 0.45 -3.66
C03 PW8 C . 4.61 -0.66 -2.58
C04 PW8 C . 5.97 -0.45 -2.03
C05 PW8 C . 6.25 -1.35 -0.76
C10 PW8 C . 8.33 -0.57 4.91
C13 PW8 C . 8.43 -2.63 6.17
C14 PW8 C . 7.83 -3.31 5.13
C07 PW8 C . 6.72 -1.40 1.66
C08 PW8 C . 7.34 -0.65 2.66
C09 PW8 C . 7.72 -1.29 3.85
C12 PW8 C . 8.68 -1.26 6.06
C15 PW8 C . 7.47 -2.63 3.95
C16 PW8 C . 6.86 -3.31 2.88
N06 PW8 C . 6.39 -0.68 0.47
N17 PW8 C . 6.51 -2.73 1.76
O01 PW8 C . 4.58 1.61 -3.34
O18 PW8 C . 6.39 -2.55 -0.96
O19 PW8 C . 4.07 0.12 -4.76
BR1 PW8 C . 8.67 1.35 4.74
H031 PW8 C . 3.94 -0.59 -1.89
H032 PW8 C . 4.54 -1.54 -3.00
H041 PW8 C . 6.63 -0.66 -2.71
H042 PW8 C . 6.07 0.48 -1.78
H131 PW8 C . 8.67 -3.07 6.95
H141 PW8 C . 7.66 -4.22 5.22
H081 PW8 C . 7.50 0.26 2.54
H121 PW8 C . 9.09 -0.81 6.77
H161 PW8 C . 6.69 -4.22 2.97
H061 PW8 C . 6.26 0.17 0.50
C BCT D . 11.77 -13.22 -1.19
O1 BCT D . 12.28 -12.33 -1.84
O2 BCT D . 11.68 -13.47 0.05
O3 BCT D . 11.16 -14.16 -2.01
HO3 BCT D . 10.51 -14.54 -1.61
#